data_6Y43
#
_entry.id   6Y43
#
_cell.length_a   39.382
_cell.length_b   65.111
_cell.length_c   76.306
_cell.angle_alpha   90.000
_cell.angle_beta   90.000
_cell.angle_gamma   90.000
#
_symmetry.space_group_name_H-M   'P 21 21 21'
#
loop_
_entity.id
_entity.type
_entity.pdbx_description
1 polymer 'Angiopoietin-related protein 6'
2 non-polymer 'CALCIUM ION'
3 non-polymer 1,2-ETHANEDIOL
4 non-polymer '4-(2-HYDROXYETHYL)-1-PIPERAZINE ETHANESULFONIC ACID'
5 water water
#
_entity_poly.entity_id   1
_entity_poly.type   'polypeptide(L)'
_entity_poly.pdbx_seq_one_letter_code
;SMTKPVGPWQDCAEARQAGHEQSGVYELRVGRHVVSVWCEQQLEGGGWTVIQRRQDGSVNFFTTWQHYKAGFGRPDGEYW
LGLEPVYQLTSRGDHELLVLLEDWGGRGARAHYDGFSLEPESDHYRLRLGQYHGDAGDSLSWHNDKPFSTVDRDRDSYSG
NCALYQRGGWWYHACAHSNLNGVWHHGGHYRSRYQDGVYWAEFRGGAYSLRKAAMLIRPLKL
;
_entity_poly.pdbx_strand_id   A
#
# COMPACT_ATOMS: atom_id res chain seq x y z
N SER A 1 5.74 -17.55 32.36
CA SER A 1 6.63 -18.62 31.83
C SER A 1 7.79 -18.03 31.03
N MET A 2 8.65 -18.91 30.52
CA MET A 2 9.88 -18.54 29.83
C MET A 2 9.72 -18.35 28.32
N THR A 3 8.51 -18.47 27.81
CA THR A 3 8.25 -18.35 26.39
C THR A 3 8.10 -16.88 25.98
N LYS A 4 8.23 -16.63 24.68
CA LYS A 4 8.18 -15.24 24.27
C LYS A 4 6.77 -14.70 24.42
N PRO A 5 6.64 -13.37 24.55
CA PRO A 5 5.31 -12.73 24.56
C PRO A 5 4.57 -13.00 23.26
N VAL A 6 3.24 -13.01 23.34
CA VAL A 6 2.43 -13.44 22.20
C VAL A 6 1.38 -12.38 21.91
N GLY A 7 0.72 -12.54 20.76
CA GLY A 7 -0.25 -11.60 20.26
C GLY A 7 -1.62 -11.95 20.78
N PRO A 8 -2.68 -11.30 20.25
CA PRO A 8 -2.61 -10.33 19.14
C PRO A 8 -1.93 -9.01 19.50
N TRP A 9 -1.44 -8.30 18.48
CA TRP A 9 -0.60 -7.15 18.70
C TRP A 9 -1.30 -5.87 18.25
N GLN A 10 -0.88 -4.74 18.81
CA GLN A 10 -1.38 -3.47 18.32
C GLN A 10 -0.88 -3.21 16.90
N ASP A 11 0.35 -3.63 16.61
CA ASP A 11 0.93 -3.50 15.28
C ASP A 11 2.20 -4.35 15.21
N CYS A 12 2.77 -4.40 14.00
CA CYS A 12 3.97 -5.21 13.79
C CYS A 12 5.14 -4.71 14.62
N ALA A 13 5.22 -3.40 14.82
CA ALA A 13 6.30 -2.85 15.64
C ALA A 13 6.26 -3.41 17.05
N GLU A 14 5.06 -3.54 17.64
CA GLU A 14 4.98 -4.11 18.98
C GLU A 14 5.47 -5.57 19.00
N ALA A 15 5.09 -6.36 18.00
CA ALA A 15 5.60 -7.72 17.89
C ALA A 15 7.13 -7.74 17.76
N ARG A 16 7.67 -6.85 16.91
CA ARG A 16 9.11 -6.79 16.72
C ARG A 16 9.82 -6.47 18.03
N GLN A 17 9.35 -5.46 18.76
CA GLN A 17 9.98 -5.08 20.00
C GLN A 17 9.90 -6.18 21.05
N ALA A 18 8.94 -7.10 20.91
CA ALA A 18 8.85 -8.25 21.81
C ALA A 18 9.79 -9.38 21.43
N GLY A 19 10.58 -9.21 20.37
CA GLY A 19 11.56 -10.19 19.97
C GLY A 19 11.16 -11.10 18.84
N HIS A 20 10.10 -10.78 18.11
CA HIS A 20 9.70 -11.57 16.95
C HIS A 20 10.39 -10.95 15.75
N GLU A 21 11.47 -11.60 15.30
CA GLU A 21 12.35 -11.08 14.26
C GLU A 21 12.06 -11.67 12.88
N GLN A 22 11.14 -12.64 12.77
CA GLN A 22 10.91 -13.32 11.50
C GLN A 22 9.68 -12.73 10.82
N SER A 23 9.84 -12.38 9.56
CA SER A 23 8.69 -11.92 8.80
C SER A 23 7.69 -13.07 8.62
N GLY A 24 6.44 -12.71 8.49
CA GLY A 24 5.38 -13.67 8.30
C GLY A 24 4.05 -13.05 8.69
N VAL A 25 3.06 -13.92 8.88
CA VAL A 25 1.70 -13.48 9.20
C VAL A 25 1.54 -13.32 10.71
N TYR A 26 1.08 -12.14 11.13
CA TYR A 26 0.80 -11.82 12.52
C TYR A 26 -0.64 -11.39 12.67
N GLU A 27 -1.17 -11.56 13.88
CA GLU A 27 -2.51 -11.12 14.24
C GLU A 27 -2.44 -9.73 14.87
N LEU A 28 -3.14 -8.78 14.26
CA LEU A 28 -3.27 -7.42 14.79
C LEU A 28 -4.69 -7.15 15.26
N ARG A 29 -4.81 -6.45 16.38
CA ARG A 29 -6.12 -6.01 16.86
C ARG A 29 -6.37 -4.61 16.31
N VAL A 30 -7.19 -4.51 15.28
CA VAL A 30 -7.48 -3.26 14.61
C VAL A 30 -8.91 -2.90 14.94
N GLY A 31 -9.08 -1.88 15.78
CA GLY A 31 -10.39 -1.49 16.23
C GLY A 31 -10.98 -2.59 17.10
N ARG A 32 -12.16 -3.07 16.71
CA ARG A 32 -12.84 -4.11 17.46
C ARG A 32 -12.55 -5.51 16.93
N HIS A 33 -11.64 -5.64 15.95
CA HIS A 33 -11.45 -6.91 15.27
C HIS A 33 -9.98 -7.28 15.15
N VAL A 34 -9.72 -8.58 15.21
CA VAL A 34 -8.37 -9.11 14.98
C VAL A 34 -8.27 -9.52 13.51
N VAL A 35 -7.21 -9.04 12.86
CA VAL A 35 -6.99 -9.25 11.45
C VAL A 35 -5.58 -9.78 11.26
N SER A 36 -5.40 -10.72 10.35
CA SER A 36 -4.07 -11.22 10.02
C SER A 36 -3.41 -10.34 8.96
N VAL A 37 -2.15 -10.00 9.19
CA VAL A 37 -1.38 -9.17 8.27
C VAL A 37 0.00 -9.79 8.14
N TRP A 38 0.69 -9.45 7.05
CA TRP A 38 2.11 -9.75 6.94
C TRP A 38 2.93 -8.64 7.59
N CYS A 39 3.88 -9.01 8.45
CA CYS A 39 4.83 -8.10 9.07
C CYS A 39 6.19 -8.32 8.45
N GLU A 40 6.79 -7.25 7.94
CA GLU A 40 8.19 -7.23 7.50
C GLU A 40 9.03 -6.88 8.72
N GLN A 41 9.76 -7.86 9.26
CA GLN A 41 10.43 -7.67 10.52
C GLN A 41 11.94 -7.47 10.41
N GLN A 42 12.49 -7.40 9.21
CA GLN A 42 13.94 -7.21 9.05
C GLN A 42 14.30 -5.91 8.37
N LEU A 43 13.61 -5.55 7.29
CA LEU A 43 13.99 -4.35 6.56
C LEU A 43 13.82 -3.09 7.38
N GLU A 44 14.87 -2.26 7.39
CA GLU A 44 14.89 -0.97 8.08
C GLU A 44 14.36 -1.08 9.49
N GLY A 45 14.90 -2.03 10.22
CA GLY A 45 14.60 -2.18 11.62
C GLY A 45 13.39 -3.03 11.90
N GLY A 46 12.64 -3.42 10.85
CA GLY A 46 11.45 -4.21 11.04
C GLY A 46 10.29 -3.42 11.64
N GLY A 47 9.25 -4.18 11.99
CA GLY A 47 8.06 -3.61 12.57
C GLY A 47 7.09 -3.00 11.59
N TRP A 48 7.16 -3.40 10.32
CA TRP A 48 6.36 -2.82 9.26
C TRP A 48 5.13 -3.68 9.00
N THR A 49 3.95 -3.07 9.08
CA THR A 49 2.70 -3.73 8.72
C THR A 49 2.47 -3.55 7.22
N VAL A 50 2.41 -4.67 6.49
CA VAL A 50 2.09 -4.59 5.08
C VAL A 50 0.61 -4.28 4.92
N ILE A 51 0.30 -3.23 4.15
CA ILE A 51 -1.10 -2.89 3.81
C ILE A 51 -1.45 -3.15 2.36
N GLN A 52 -0.48 -3.45 1.51
CA GLN A 52 -0.70 -3.71 0.10
C GLN A 52 0.52 -4.47 -0.38
N ARG A 53 0.29 -5.48 -1.23
CA ARG A 53 1.43 -6.17 -1.83
C ARG A 53 1.04 -6.77 -3.16
N ARG A 54 1.91 -6.59 -4.14
CA ARG A 54 1.82 -7.20 -5.46
C ARG A 54 3.07 -8.04 -5.73
N GLN A 55 2.91 -9.20 -6.34
CA GLN A 55 4.09 -10.02 -6.57
C GLN A 55 3.89 -11.14 -7.60
N ASP A 56 2.64 -11.46 -7.93
CA ASP A 56 2.47 -12.58 -8.86
C ASP A 56 1.17 -12.63 -9.65
N GLY A 57 0.34 -11.58 -9.56
CA GLY A 57 -0.86 -11.54 -10.38
C GLY A 57 -1.97 -12.48 -9.95
N SER A 58 -1.93 -12.99 -8.72
CA SER A 58 -2.91 -13.98 -8.32
C SER A 58 -4.23 -13.38 -7.86
N VAL A 59 -4.27 -12.08 -7.56
CA VAL A 59 -5.45 -11.46 -6.97
C VAL A 59 -5.91 -10.35 -7.90
N ASN A 60 -7.22 -10.30 -8.14
CA ASN A 60 -7.80 -9.26 -8.99
C ASN A 60 -7.91 -7.98 -8.18
N PHE A 61 -7.17 -6.95 -8.59
CA PHE A 61 -7.25 -5.63 -7.97
C PHE A 61 -8.23 -4.71 -8.70
N PHE A 62 -8.79 -5.15 -9.82
CA PHE A 62 -9.87 -4.40 -10.46
C PHE A 62 -11.19 -4.84 -9.82
N THR A 63 -11.49 -4.31 -8.63
CA THR A 63 -12.60 -4.83 -7.84
C THR A 63 -13.39 -3.70 -7.20
N THR A 64 -14.39 -4.09 -6.40
CA THR A 64 -15.47 -3.20 -5.95
C THR A 64 -15.00 -2.23 -4.87
N TRP A 65 -15.70 -1.09 -4.79
CA TRP A 65 -15.51 -0.19 -3.64
C TRP A 65 -15.62 -0.95 -2.33
N GLN A 66 -16.63 -1.81 -2.19
CA GLN A 66 -16.78 -2.55 -0.94
C GLN A 66 -15.54 -3.39 -0.64
N HIS A 67 -14.96 -4.01 -1.67
CA HIS A 67 -13.75 -4.81 -1.45
C HIS A 67 -12.57 -3.92 -1.11
N TYR A 68 -12.42 -2.77 -1.78
CA TYR A 68 -11.37 -1.84 -1.39
C TYR A 68 -11.56 -1.32 0.02
N LYS A 69 -12.82 -1.16 0.46
CA LYS A 69 -13.05 -0.71 1.83
C LYS A 69 -12.70 -1.79 2.85
N ALA A 70 -13.15 -3.02 2.60
CA ALA A 70 -13.03 -4.07 3.61
C ALA A 70 -11.70 -4.80 3.58
N GLY A 71 -11.00 -4.79 2.46
CA GLY A 71 -9.79 -5.57 2.25
C GLY A 71 -10.09 -6.76 1.38
N PHE A 72 -9.08 -7.18 0.62
CA PHE A 72 -9.19 -8.39 -0.19
C PHE A 72 -7.83 -9.04 -0.34
N GLY A 73 -7.83 -10.29 -0.83
CA GLY A 73 -6.59 -11.04 -0.91
C GLY A 73 -6.30 -11.73 0.41
N ARG A 74 -5.10 -12.31 0.50
CA ARG A 74 -4.74 -13.02 1.73
C ARG A 74 -3.33 -12.64 2.13
N PRO A 75 -3.07 -12.58 3.43
CA PRO A 75 -1.84 -11.94 3.92
C PRO A 75 -0.58 -12.74 3.64
N ASP A 76 -0.69 -14.01 3.25
CA ASP A 76 0.50 -14.76 2.85
C ASP A 76 0.95 -14.42 1.44
N GLY A 77 0.19 -13.59 0.71
CA GLY A 77 0.43 -13.37 -0.71
C GLY A 77 0.09 -11.95 -1.10
N GLU A 78 -0.56 -11.80 -2.24
CA GLU A 78 -1.02 -10.48 -2.67
C GLU A 78 -2.24 -10.09 -1.88
N TYR A 79 -2.28 -8.83 -1.43
CA TYR A 79 -3.48 -8.39 -0.74
C TYR A 79 -3.54 -6.88 -0.62
N TRP A 80 -4.72 -6.43 -0.21
CA TRP A 80 -5.03 -5.04 0.13
C TRP A 80 -5.73 -5.08 1.48
N LEU A 81 -5.12 -4.47 2.49
CA LEU A 81 -5.65 -4.61 3.85
C LEU A 81 -7.05 -4.02 3.98
N GLY A 82 -7.31 -2.94 3.26
CA GLY A 82 -8.61 -2.28 3.27
C GLY A 82 -8.54 -0.85 3.74
N LEU A 83 -9.31 0.02 3.08
CA LEU A 83 -9.33 1.42 3.46
C LEU A 83 -9.81 1.60 4.90
N GLU A 84 -10.84 0.84 5.31
CA GLU A 84 -11.35 1.03 6.66
C GLU A 84 -10.33 0.55 7.69
N PRO A 85 -9.79 -0.67 7.60
CA PRO A 85 -8.72 -1.04 8.53
C PRO A 85 -7.56 -0.05 8.54
N VAL A 86 -7.14 0.43 7.39
CA VAL A 86 -6.00 1.36 7.37
C VAL A 86 -6.38 2.69 8.01
N TYR A 87 -7.60 3.16 7.75
CA TYR A 87 -8.11 4.34 8.44
C TYR A 87 -8.05 4.13 9.95
N GLN A 88 -8.54 2.99 10.43
CA GLN A 88 -8.54 2.73 11.86
C GLN A 88 -7.12 2.76 12.43
N LEU A 89 -6.18 2.14 11.71
CA LEU A 89 -4.80 2.11 12.19
C LEU A 89 -4.17 3.50 12.19
N THR A 90 -4.43 4.30 11.16
CA THR A 90 -3.70 5.56 11.02
C THR A 90 -4.44 6.72 11.68
N SER A 91 -5.60 6.45 12.28
CA SER A 91 -6.37 7.38 13.08
C SER A 91 -5.88 7.49 14.51
N ARG A 92 -4.77 6.83 14.83
CA ARG A 92 -4.24 6.78 16.19
C ARG A 92 -2.73 6.97 16.09
N GLY A 93 -2.27 8.19 16.37
CA GLY A 93 -0.85 8.48 16.32
C GLY A 93 -0.36 8.73 14.91
N ASP A 94 0.93 9.04 14.81
CA ASP A 94 1.57 9.28 13.53
C ASP A 94 2.18 8.00 12.98
N HIS A 95 2.28 7.92 11.65
CA HIS A 95 2.78 6.73 10.99
C HIS A 95 3.70 7.11 9.85
N GLU A 96 4.71 6.27 9.64
CA GLU A 96 5.56 6.31 8.47
C GLU A 96 5.04 5.31 7.44
N LEU A 97 5.01 5.74 6.18
CA LEU A 97 4.72 4.86 5.06
C LEU A 97 6.00 4.52 4.34
N LEU A 98 6.21 3.22 4.09
CA LEU A 98 7.33 2.73 3.31
C LEU A 98 6.77 2.04 2.07
N VAL A 99 7.28 2.40 0.90
CA VAL A 99 6.91 1.75 -0.34
C VAL A 99 8.13 1.01 -0.83
N LEU A 100 7.97 -0.27 -1.11
CA LEU A 100 9.06 -1.12 -1.57
C LEU A 100 8.76 -1.57 -2.98
N LEU A 101 9.73 -1.42 -3.89
CA LEU A 101 9.55 -1.73 -5.29
C LEU A 101 10.69 -2.62 -5.78
N GLU A 102 10.37 -3.51 -6.72
CA GLU A 102 11.39 -4.29 -7.41
C GLU A 102 11.02 -4.41 -8.88
N ASP A 103 12.01 -4.17 -9.76
CA ASP A 103 11.81 -4.35 -11.18
C ASP A 103 12.21 -5.76 -11.61
N TRP A 104 11.99 -6.06 -12.88
CA TRP A 104 12.20 -7.41 -13.38
C TRP A 104 13.67 -7.74 -13.59
N GLY A 105 14.55 -6.76 -13.42
CA GLY A 105 15.97 -7.02 -13.41
C GLY A 105 16.52 -7.21 -12.02
N GLY A 106 15.68 -7.18 -10.99
CA GLY A 106 16.14 -7.36 -9.63
C GLY A 106 16.54 -6.10 -8.90
N ARG A 107 16.43 -4.93 -9.52
CA ARG A 107 16.75 -3.69 -8.83
C ARG A 107 15.60 -3.36 -7.89
N GLY A 108 15.96 -2.95 -6.67
CA GLY A 108 14.99 -2.56 -5.68
C GLY A 108 15.05 -1.08 -5.41
N ALA A 109 13.96 -0.51 -4.92
CA ALA A 109 13.97 0.89 -4.53
C ALA A 109 12.93 1.12 -3.44
N ARG A 110 13.10 2.20 -2.69
CA ARG A 110 12.25 2.48 -1.55
C ARG A 110 11.86 3.95 -1.49
N ALA A 111 10.63 4.20 -1.07
CA ALA A 111 10.14 5.54 -0.79
C ALA A 111 9.60 5.56 0.64
N HIS A 112 9.86 6.66 1.35
CA HIS A 112 9.40 6.86 2.71
C HIS A 112 8.62 8.17 2.80
N TYR A 113 7.53 8.15 3.56
CA TYR A 113 6.77 9.35 3.89
C TYR A 113 6.60 9.43 5.40
N ASP A 114 7.09 10.53 5.98
CA ASP A 114 7.04 10.74 7.43
C ASP A 114 5.69 11.35 7.76
N GLY A 115 4.68 10.49 7.82
CA GLY A 115 3.32 10.93 7.99
C GLY A 115 2.48 10.25 6.94
N PHE A 116 1.42 9.61 7.38
CA PHE A 116 0.54 8.89 6.46
C PHE A 116 -0.76 8.67 7.20
N SER A 117 -1.86 9.10 6.62
CA SER A 117 -3.17 8.80 7.20
C SER A 117 -4.22 8.92 6.13
N LEU A 118 -5.42 8.43 6.47
CA LEU A 118 -6.59 8.51 5.63
C LEU A 118 -7.71 9.22 6.38
N GLU A 119 -8.49 10.03 5.67
CA GLU A 119 -9.77 10.47 6.19
C GLU A 119 -10.72 9.29 6.23
N PRO A 120 -11.85 9.42 6.93
CA PRO A 120 -12.84 8.33 6.97
C PRO A 120 -13.60 8.20 5.66
N GLU A 121 -14.46 7.17 5.61
CA GLU A 121 -15.23 6.93 4.40
C GLU A 121 -16.05 8.15 4.00
N SER A 122 -16.59 8.87 4.99
CA SER A 122 -17.42 10.04 4.75
C SER A 122 -16.67 11.13 3.99
N ASP A 123 -15.34 11.09 4.03
CA ASP A 123 -14.49 12.01 3.29
C ASP A 123 -13.67 11.26 2.26
N HIS A 124 -14.20 10.12 1.79
CA HIS A 124 -13.70 9.37 0.64
C HIS A 124 -12.28 8.88 0.84
N TYR A 125 -11.88 8.65 2.09
CA TYR A 125 -10.57 8.09 2.41
C TYR A 125 -9.44 8.89 1.74
N ARG A 126 -9.61 10.21 1.72
CA ARG A 126 -8.59 11.12 1.21
C ARG A 126 -7.23 10.82 1.83
N LEU A 127 -6.21 10.82 0.99
CA LEU A 127 -4.84 10.55 1.41
C LEU A 127 -4.19 11.78 2.05
N ARG A 128 -3.45 11.56 3.14
CA ARG A 128 -2.55 12.55 3.73
C ARG A 128 -1.16 11.92 3.86
N LEU A 129 -0.09 12.59 3.47
CA LEU A 129 1.26 12.00 3.46
C LEU A 129 2.12 12.83 4.40
N GLY A 130 3.35 12.42 4.75
CA GLY A 130 4.22 13.47 5.18
C GLY A 130 5.44 13.74 4.32
N GLN A 131 6.52 14.23 4.94
CA GLN A 131 7.76 14.52 4.20
C GLN A 131 8.35 13.28 3.54
N TYR A 132 8.78 13.45 2.30
CA TYR A 132 9.34 12.37 1.51
C TYR A 132 10.86 12.21 1.69
N HIS A 133 11.32 10.95 1.65
CA HIS A 133 12.73 10.62 1.40
C HIS A 133 12.83 9.21 0.84
N GLY A 134 13.81 8.98 -0.03
CA GLY A 134 14.10 7.62 -0.48
C GLY A 134 14.76 7.61 -1.85
N ASP A 135 15.25 6.41 -2.23
CA ASP A 135 15.90 6.29 -3.52
C ASP A 135 14.93 6.07 -4.67
N ALA A 136 13.67 5.72 -4.37
CA ALA A 136 12.73 5.43 -5.45
C ALA A 136 12.36 6.69 -6.22
N GLY A 137 12.31 7.82 -5.54
CA GLY A 137 11.70 9.00 -6.12
C GLY A 137 10.29 9.20 -5.60
N ASP A 138 9.82 10.45 -5.60
CA ASP A 138 8.57 10.78 -4.91
C ASP A 138 7.41 10.75 -5.90
N SER A 139 6.94 9.53 -6.18
CA SER A 139 5.86 9.35 -7.13
C SER A 139 4.50 9.11 -6.45
N LEU A 140 4.40 9.39 -5.16
CA LEU A 140 3.10 9.43 -4.49
C LEU A 140 2.67 10.84 -4.07
N SER A 141 3.57 11.82 -4.06
CA SER A 141 3.19 13.13 -3.53
CA SER A 141 3.18 13.12 -3.53
C SER A 141 2.11 13.78 -4.39
N TRP A 142 2.08 13.48 -5.69
CA TRP A 142 1.04 14.06 -6.54
C TRP A 142 -0.35 13.60 -6.14
N HIS A 143 -0.44 12.55 -5.34
CA HIS A 143 -1.72 11.99 -4.93
C HIS A 143 -2.15 12.48 -3.56
N ASN A 144 -1.34 13.30 -2.92
CA ASN A 144 -1.70 13.86 -1.63
C ASN A 144 -3.02 14.63 -1.70
N ASP A 145 -3.88 14.41 -0.70
CA ASP A 145 -5.16 15.10 -0.57
C ASP A 145 -6.02 14.87 -1.81
N LYS A 146 -5.91 13.69 -2.39
CA LYS A 146 -6.85 13.23 -3.38
C LYS A 146 -7.76 12.16 -2.77
N PRO A 147 -9.03 12.15 -3.15
CA PRO A 147 -9.95 11.12 -2.67
C PRO A 147 -9.65 9.79 -3.34
N PHE A 148 -10.11 8.71 -2.70
CA PHE A 148 -9.96 7.38 -3.28
C PHE A 148 -11.06 7.12 -4.30
N SER A 149 -10.65 6.75 -5.51
CA SER A 149 -11.55 6.44 -6.61
C SER A 149 -11.51 4.96 -6.98
N THR A 150 -12.67 4.43 -7.38
CA THR A 150 -12.76 3.15 -8.10
C THR A 150 -13.58 3.38 -9.36
N VAL A 151 -13.73 2.36 -10.21
CA VAL A 151 -14.33 2.61 -11.52
C VAL A 151 -15.76 3.19 -11.44
N ASP A 152 -16.54 2.80 -10.43
CA ASP A 152 -17.89 3.34 -10.31
C ASP A 152 -17.96 4.59 -9.43
N ARG A 153 -16.80 5.00 -8.87
CA ARG A 153 -16.71 6.17 -7.99
C ARG A 153 -15.56 7.02 -8.51
N ASP A 154 -15.84 7.73 -9.60
CA ASP A 154 -14.86 8.61 -10.23
C ASP A 154 -14.82 9.91 -9.45
N ARG A 155 -13.81 10.05 -8.60
CA ARG A 155 -13.58 11.24 -7.79
C ARG A 155 -12.30 11.95 -8.18
N ASP A 156 -11.71 11.55 -9.30
CA ASP A 156 -10.38 12.03 -9.64
C ASP A 156 -10.48 13.42 -10.28
N SER A 157 -9.32 13.91 -10.69
CA SER A 157 -9.22 15.25 -11.28
C SER A 157 -9.00 15.19 -12.79
N TYR A 158 -9.39 14.08 -13.41
CA TYR A 158 -9.25 13.82 -14.82
C TYR A 158 -10.59 13.94 -15.53
N SER A 159 -10.53 14.38 -16.79
CA SER A 159 -11.73 14.53 -17.60
C SER A 159 -12.47 13.22 -17.75
N GLY A 160 -11.73 12.15 -17.80
CA GLY A 160 -12.30 10.82 -17.88
C GLY A 160 -12.15 10.08 -16.61
N ASN A 161 -12.20 8.79 -16.67
CA ASN A 161 -12.27 7.91 -15.50
C ASN A 161 -10.93 7.19 -15.36
N CYS A 162 -10.07 7.71 -14.48
CA CYS A 162 -8.73 7.15 -14.37
C CYS A 162 -8.75 5.65 -14.05
N ALA A 163 -9.62 5.24 -13.13
CA ALA A 163 -9.67 3.83 -12.72
C ALA A 163 -10.06 2.92 -13.88
N LEU A 164 -10.93 3.41 -14.77
CA LEU A 164 -11.35 2.62 -15.93
C LEU A 164 -10.16 2.28 -16.81
N TYR A 165 -9.23 3.22 -16.94
CA TYR A 165 -8.09 3.00 -17.81
C TYR A 165 -6.89 2.42 -17.08
N GLN A 166 -6.65 2.81 -15.82
CA GLN A 166 -5.46 2.34 -15.12
C GLN A 166 -5.75 1.18 -14.17
N ARG A 167 -7.03 0.86 -13.95
CA ARG A 167 -7.54 -0.42 -13.47
C ARG A 167 -7.34 -0.65 -11.97
N GLY A 168 -6.94 0.34 -11.19
CA GLY A 168 -6.83 0.19 -9.76
C GLY A 168 -7.93 0.95 -9.03
N GLY A 169 -8.00 0.67 -7.70
CA GLY A 169 -8.54 1.64 -6.77
C GLY A 169 -7.38 2.48 -6.28
N TRP A 170 -7.53 3.80 -6.32
CA TRP A 170 -6.39 4.65 -6.00
C TRP A 170 -6.86 6.07 -5.81
N TRP A 171 -5.96 6.87 -5.23
CA TRP A 171 -6.17 8.30 -5.05
C TRP A 171 -5.78 9.02 -6.34
N TYR A 172 -6.46 8.65 -7.41
CA TYR A 172 -6.10 9.16 -8.73
C TYR A 172 -6.21 10.68 -8.79
N HIS A 173 -5.27 11.28 -9.53
CA HIS A 173 -5.20 12.71 -9.80
C HIS A 173 -5.59 12.87 -11.25
N ALA A 174 -4.64 13.05 -12.18
CA ALA A 174 -4.95 13.19 -13.61
C ALA A 174 -3.83 12.69 -14.51
N CYS A 175 -3.48 11.38 -14.45
CA CYS A 175 -4.13 10.41 -13.58
C CYS A 175 -3.24 9.94 -12.45
N ALA A 176 -1.97 9.66 -12.75
CA ALA A 176 -1.14 9.11 -11.70
C ALA A 176 0.36 9.18 -11.99
N HIS A 177 1.09 9.46 -10.93
CA HIS A 177 2.52 9.20 -10.87
C HIS A 177 2.84 7.79 -10.38
N SER A 178 1.91 7.14 -9.68
CA SER A 178 2.09 5.77 -9.23
C SER A 178 0.77 5.04 -9.38
N ASN A 179 0.83 3.73 -9.65
CA ASN A 179 -0.39 2.97 -9.91
C ASN A 179 -0.23 1.58 -9.33
N LEU A 180 0.05 1.52 -8.03
CA LEU A 180 0.45 0.24 -7.46
C LEU A 180 -0.69 -0.75 -7.38
N ASN A 181 -1.94 -0.32 -7.50
CA ASN A 181 -3.07 -1.24 -7.55
C ASN A 181 -3.50 -1.57 -8.97
N GLY A 182 -2.65 -1.31 -9.96
CA GLY A 182 -2.98 -1.53 -11.34
C GLY A 182 -2.80 -2.97 -11.76
N VAL A 183 -2.62 -3.14 -13.05
CA VAL A 183 -2.50 -4.47 -13.64
C VAL A 183 -1.08 -4.98 -13.44
N TRP A 184 -0.93 -6.10 -12.73
CA TRP A 184 0.37 -6.78 -12.63
C TRP A 184 0.60 -7.57 -13.91
N HIS A 185 1.53 -7.11 -14.73
CA HIS A 185 1.86 -7.86 -15.94
C HIS A 185 2.98 -8.85 -15.65
N HIS A 186 3.07 -9.89 -16.48
CA HIS A 186 4.04 -10.95 -16.26
C HIS A 186 5.44 -10.61 -16.80
N GLY A 187 5.72 -9.33 -16.97
CA GLY A 187 7.00 -8.81 -17.39
C GLY A 187 6.92 -7.30 -17.30
N GLY A 188 8.07 -6.66 -17.40
CA GLY A 188 8.11 -5.21 -17.24
C GLY A 188 7.46 -4.49 -18.40
N HIS A 189 7.55 -5.06 -19.62
CA HIS A 189 6.92 -4.49 -20.81
C HIS A 189 5.71 -5.29 -21.20
N TYR A 190 4.69 -4.56 -21.64
CA TYR A 190 3.42 -5.19 -21.91
C TYR A 190 2.76 -4.43 -23.03
N ARG A 191 1.74 -5.05 -23.60
CA ARG A 191 0.96 -4.49 -24.68
C ARG A 191 -0.35 -4.02 -24.07
N SER A 192 -0.57 -2.72 -24.10
CA SER A 192 -1.85 -2.20 -23.68
C SER A 192 -2.02 -0.85 -24.32
N ARG A 193 -3.26 -0.43 -24.49
CA ARG A 193 -3.50 0.91 -24.97
C ARG A 193 -3.25 1.94 -23.90
N TYR A 194 -3.14 1.54 -22.64
CA TYR A 194 -3.00 2.48 -21.55
C TYR A 194 -1.85 2.08 -20.63
N GLN A 195 -1.27 3.09 -20.00
CA GLN A 195 -0.32 2.88 -18.91
C GLN A 195 -1.12 2.40 -17.72
N ASP A 196 -1.28 1.07 -17.59
CA ASP A 196 -2.17 0.51 -16.59
C ASP A 196 -1.42 -0.44 -15.66
N GLY A 197 -0.10 -0.49 -15.76
CA GLY A 197 0.68 -1.42 -14.97
C GLY A 197 0.95 -0.94 -13.56
N VAL A 198 1.63 -1.80 -12.81
CA VAL A 198 2.04 -1.51 -11.44
C VAL A 198 3.27 -0.63 -11.53
N TYR A 199 3.07 0.69 -11.56
CA TYR A 199 4.17 1.60 -11.90
C TYR A 199 4.41 2.69 -10.88
N TRP A 200 5.63 3.21 -10.98
CA TRP A 200 6.16 4.27 -10.12
C TRP A 200 6.94 5.16 -11.07
N ALA A 201 6.44 6.38 -11.30
CA ALA A 201 6.99 7.20 -12.38
C ALA A 201 8.50 7.35 -12.29
N GLU A 202 9.03 7.58 -11.09
CA GLU A 202 10.44 7.87 -10.93
C GLU A 202 11.29 6.61 -10.75
N PHE A 203 10.69 5.42 -10.85
CA PHE A 203 11.45 4.16 -10.80
C PHE A 203 10.90 3.23 -11.89
N ARG A 204 11.49 3.34 -13.09
CA ARG A 204 11.24 2.59 -14.32
C ARG A 204 10.09 3.19 -15.15
N GLY A 205 9.29 4.09 -14.59
CA GLY A 205 8.42 4.91 -15.41
C GLY A 205 7.02 4.36 -15.55
N GLY A 206 6.18 5.19 -16.16
CA GLY A 206 4.78 4.90 -16.34
C GLY A 206 4.45 3.84 -17.36
N ALA A 207 5.39 3.46 -18.22
CA ALA A 207 5.15 2.42 -19.21
C ALA A 207 5.64 1.06 -18.75
N TYR A 208 6.07 0.95 -17.49
CA TYR A 208 6.65 -0.26 -16.93
C TYR A 208 5.70 -0.88 -15.94
N SER A 209 5.81 -2.19 -15.76
CA SER A 209 5.06 -2.91 -14.72
C SER A 209 6.04 -3.58 -13.78
N LEU A 210 6.03 -3.18 -12.51
CA LEU A 210 7.03 -3.68 -11.59
C LEU A 210 6.74 -5.11 -11.19
N ARG A 211 7.81 -5.86 -10.90
CA ARG A 211 7.67 -7.26 -10.52
C ARG A 211 7.08 -7.40 -9.11
N LYS A 212 7.53 -6.58 -8.17
CA LYS A 212 7.06 -6.62 -6.79
C LYS A 212 6.81 -5.20 -6.35
N ALA A 213 5.75 -5.00 -5.59
CA ALA A 213 5.45 -3.73 -4.98
C ALA A 213 4.77 -3.97 -3.65
N ALA A 214 5.05 -3.13 -2.66
CA ALA A 214 4.33 -3.26 -1.40
C ALA A 214 4.32 -1.92 -0.69
N MET A 215 3.29 -1.72 0.11
CA MET A 215 3.10 -0.53 0.92
C MET A 215 3.03 -0.97 2.37
N LEU A 216 3.82 -0.34 3.23
CA LEU A 216 3.93 -0.79 4.62
C LEU A 216 3.87 0.41 5.54
N ILE A 217 3.33 0.22 6.75
CA ILE A 217 3.29 1.32 7.72
C ILE A 217 3.82 0.87 9.07
N ARG A 218 4.27 1.85 9.85
CA ARG A 218 4.86 1.67 11.16
C ARG A 218 4.60 2.94 11.94
N PRO A 219 4.34 2.84 13.25
CA PRO A 219 4.22 4.07 14.04
C PRO A 219 5.47 4.93 13.90
N LEU A 220 5.27 6.23 13.84
CA LEU A 220 6.37 7.18 13.71
C LEU A 220 6.58 7.83 15.07
N LYS A 221 7.68 7.47 15.70
CA LYS A 221 8.04 7.97 17.01
C LYS A 221 9.25 8.89 16.84
N LEU A 222 9.01 10.19 16.91
CA LEU A 222 10.08 11.15 16.64
C LEU A 222 11.09 11.22 17.78
#